data_2OGX
#
_entry.id   2OGX
#
_cell.length_a   114.400
_cell.length_b   114.400
_cell.length_c   233.700
_cell.angle_alpha   90.00
_cell.angle_beta   90.00
_cell.angle_gamma   120.00
#
_symmetry.space_group_name_H-M   'P 63 2 2'
#
loop_
_entity.id
_entity.type
_entity.pdbx_description
1 polymer 'Molybdenum storage protein subunit alpha'
2 polymer 'Molybdenum storage protein subunit beta'
3 non-polymer 'MAGNESIUM ION'
4 non-polymer 'TRI-TUNGSTEN(VI) OXIDE COMPLEX'
5 non-polymer "ADENOSINE-5'-TRIPHOSPHATE"
6 non-polymer 'TUNGSTEN ION'
7 non-polymer 'PHOSPHATE ION'
8 water water
#
loop_
_entity_poly.entity_id
_entity_poly.type
_entity_poly.pdbx_seq_one_letter_code
_entity_poly.pdbx_strand_id
1 'polypeptide(L)'
;(MSE)TDTTNSIKHVISPLARQTLQDRDLTRPVAGKRPIRLLPWLQVVKIGGRV(MSE)DRGADAILPLVEELRKLLPEH
RLLILTGAGVRARHVFSVGLDLGLPVGSLAPLAASEAGQNGHILAA(MSE)LASEGVSYVEHPTVADQLAIHLSATRAVV
GSAFPPYHHHEFPGSRIPPHRADTGAFLLADAFGAAGLTIVENVDGIYTADPNGPDRGQARFLPETSATDLAKSEGPLPV
DRALLDV(MSE)ATARHIERVQVVNGLVPGRLTAALRGEHVGTLIRTGVRPA
;
A
2 'polypeptide(L)'
;(MSE)ANSTAELEELL(MSE)QRSLTDPQLQAAAAAAADFRILPDATVIKIGGQSVIDRGRAAVYPLVDEIVAARKNHKL
LIGTGAGTRARHLYSIAAGLGLPAGVLAQLGSSVADQNAA(MSE)LGQLLAKHGIPVVGGAGLSAVPLSLAEVNAVVFSG
(MSE)PPYKLW(MSE)RPAAEGVIPPYRTDAGCFLLAEQFGCKQ(MSE)IFVKDEDGLYTANPKTSKDATFIPRISVDE
(MSE)KAKGLHDSILEFPVLDLLQSAQHVREVQVVNGLVPGNLTRALAGEHVGTIITAS
;
B
#
# COMPACT_ATOMS: atom_id res chain seq x y z
N GLY A 31 -6.13 15.26 -20.44
CA GLY A 31 -7.29 14.69 -19.73
C GLY A 31 -7.45 15.25 -18.33
N LYS A 32 -7.11 16.53 -18.16
CA LYS A 32 -7.05 17.28 -16.84
C LYS A 32 -6.18 16.62 -15.76
N ARG A 33 -5.21 15.91 -16.24
CA ARG A 33 -4.48 15.05 -15.38
C ARG A 33 -3.53 15.92 -14.54
N PRO A 34 -3.03 15.32 -13.44
CA PRO A 34 -2.08 15.99 -12.61
C PRO A 34 -0.82 16.33 -13.40
N ILE A 35 -0.14 17.37 -12.95
CA ILE A 35 1.12 17.80 -13.56
C ILE A 35 2.19 16.76 -13.39
N ARG A 36 3.20 16.82 -14.26
CA ARG A 36 4.33 15.94 -14.07
C ARG A 36 5.32 16.63 -13.14
N LEU A 37 5.72 15.96 -12.09
CA LEU A 37 6.61 16.57 -11.10
C LEU A 37 8.05 16.59 -11.61
N LEU A 38 8.49 15.49 -12.21
CA LEU A 38 9.88 15.34 -12.73
C LEU A 38 9.83 14.76 -14.15
N PRO A 39 9.44 15.60 -15.09
CA PRO A 39 9.13 15.10 -16.44
C PRO A 39 10.37 14.57 -17.14
N TRP A 40 11.53 14.98 -16.68
CA TRP A 40 12.82 14.63 -17.30
C TRP A 40 13.44 13.39 -16.74
N LEU A 41 12.79 12.76 -15.73
CA LEU A 41 13.34 11.62 -15.04
C LEU A 41 13.12 10.30 -15.80
N GLN A 42 14.12 9.45 -15.86
CA GLN A 42 13.96 8.09 -16.34
C GLN A 42 14.05 7.18 -15.13
N VAL A 43 13.05 6.31 -14.99
CA VAL A 43 13.04 5.37 -13.87
C VAL A 43 13.39 4.00 -14.43
N VAL A 44 14.30 3.32 -13.75
CA VAL A 44 14.79 1.99 -14.20
C VAL A 44 14.62 1.05 -13.01
N LYS A 45 13.82 -0.01 -13.19
CA LYS A 45 13.67 -1.00 -12.10
C LYS A 45 14.54 -2.20 -12.47
N ILE A 46 15.40 -2.61 -11.53
CA ILE A 46 16.28 -3.74 -11.76
C ILE A 46 15.74 -4.92 -10.94
N GLY A 47 15.40 -6.01 -11.64
CA GLY A 47 14.84 -7.18 -10.95
C GLY A 47 15.80 -7.73 -9.91
N GLY A 48 15.24 -8.12 -8.76
CA GLY A 48 16.05 -8.72 -7.71
C GLY A 48 16.68 -10.01 -8.23
N ARG A 49 16.08 -10.72 -9.18
CA ARG A 49 16.71 -11.97 -9.67
C ARG A 49 17.87 -11.67 -10.61
N VAL A 50 17.93 -10.48 -11.18
CA VAL A 50 19.15 -10.05 -11.85
C VAL A 50 20.28 -9.86 -10.84
N ASP A 52 20.50 -11.25 -8.01
CA ASP A 52 20.84 -12.53 -7.39
C ASP A 52 21.87 -13.31 -8.22
N ARG A 53 22.07 -12.91 -9.48
CA ARG A 53 23.09 -13.58 -10.31
C ARG A 53 24.50 -13.18 -9.94
N GLY A 54 24.63 -12.19 -9.08
CA GLY A 54 25.93 -11.76 -8.60
C GLY A 54 26.74 -11.04 -9.67
N ALA A 55 28.03 -10.99 -9.40
CA ALA A 55 28.99 -10.29 -10.27
C ALA A 55 28.84 -10.56 -11.76
N ASP A 56 28.57 -11.80 -12.15
CA ASP A 56 28.47 -12.08 -13.57
C ASP A 56 27.43 -11.25 -14.28
N ALA A 57 26.33 -10.95 -13.59
CA ALA A 57 25.28 -10.07 -14.13
C ALA A 57 25.45 -8.62 -13.72
N ILE A 58 25.90 -8.43 -12.49
CA ILE A 58 25.91 -7.10 -11.95
C ILE A 58 27.04 -6.26 -12.54
N LEU A 59 28.22 -6.85 -12.78
CA LEU A 59 29.31 -6.04 -13.29
C LEU A 59 29.00 -5.49 -14.70
N PRO A 60 28.47 -6.31 -15.66
CA PRO A 60 28.14 -5.70 -16.94
C PRO A 60 27.03 -4.67 -16.83
N LEU A 61 26.10 -4.91 -15.92
CA LEU A 61 25.01 -3.96 -15.73
C LEU A 61 25.53 -2.64 -15.17
N VAL A 62 26.48 -2.71 -14.23
CA VAL A 62 27.08 -1.51 -13.66
C VAL A 62 27.83 -0.72 -14.75
N GLU A 63 28.54 -1.45 -15.61
CA GLU A 63 29.30 -0.77 -16.69
C GLU A 63 28.31 -0.08 -17.67
N GLU A 64 27.17 -0.70 -17.92
CA GLU A 64 26.19 -0.09 -18.79
C GLU A 64 25.55 1.16 -18.12
N LEU A 65 25.21 1.01 -16.83
CA LEU A 65 24.70 2.14 -16.07
C LEU A 65 25.69 3.29 -16.04
N ARG A 66 26.97 2.99 -15.87
CA ARG A 66 27.99 4.04 -15.85
C ARG A 66 27.95 4.86 -17.12
N LYS A 67 27.82 4.17 -18.23
CA LYS A 67 27.83 4.85 -19.52
C LYS A 67 26.55 5.64 -19.75
N LEU A 68 25.47 5.27 -19.04
CA LEU A 68 24.18 5.95 -19.15
C LEU A 68 24.10 7.22 -18.34
N LEU A 69 24.94 7.34 -17.32
CA LEU A 69 24.84 8.49 -16.41
C LEU A 69 24.91 9.82 -17.15
N PRO A 70 25.82 9.98 -18.13
CA PRO A 70 25.80 11.30 -18.79
C PRO A 70 24.64 11.55 -19.72
N GLU A 71 23.86 10.51 -20.03
CA GLU A 71 22.81 10.61 -21.05
C GLU A 71 21.45 10.86 -20.43
N HIS A 72 21.22 10.36 -19.20
CA HIS A 72 19.88 10.42 -18.62
C HIS A 72 19.94 10.80 -17.18
N ARG A 73 18.82 11.22 -16.60
CA ARG A 73 18.77 11.52 -15.17
C ARG A 73 18.01 10.33 -14.60
N LEU A 74 18.69 9.48 -13.82
CA LEU A 74 18.12 8.14 -13.56
C LEU A 74 17.75 7.96 -12.10
N LEU A 75 16.56 7.42 -11.88
CA LEU A 75 16.23 6.81 -10.56
C LEU A 75 16.24 5.29 -10.81
N ILE A 76 17.20 4.62 -10.15
CA ILE A 76 17.39 3.22 -10.34
C ILE A 76 16.82 2.54 -9.11
N LEU A 77 15.86 1.64 -9.33
CA LEU A 77 15.14 1.07 -8.18
C LEU A 77 15.29 -0.42 -8.23
N THR A 78 15.68 -1.02 -7.12
CA THR A 78 15.95 -2.42 -7.15
C THR A 78 14.80 -3.24 -6.52
N GLY A 79 14.59 -4.43 -7.08
CA GLY A 79 13.67 -5.45 -6.57
C GLY A 79 14.36 -6.32 -5.54
N ALA A 80 13.68 -7.40 -5.16
CA ALA A 80 14.04 -8.15 -3.98
C ALA A 80 14.67 -9.48 -4.32
N GLY A 81 14.04 -10.24 -5.19
CA GLY A 81 14.65 -11.51 -5.57
C GLY A 81 14.53 -12.63 -4.54
N VAL A 82 15.46 -13.57 -4.60
CA VAL A 82 15.28 -14.85 -3.91
C VAL A 82 15.26 -14.75 -2.43
N ARG A 83 16.00 -13.80 -1.84
CA ARG A 83 15.97 -13.74 -0.38
C ARG A 83 14.56 -13.38 0.14
N ALA A 84 13.75 -12.66 -0.63
CA ALA A 84 12.40 -12.37 -0.19
C ALA A 84 11.65 -13.69 -0.19
N ARG A 85 11.93 -14.59 -1.15
CA ARG A 85 11.27 -15.91 -1.12
C ARG A 85 11.59 -16.65 0.14
N HIS A 86 12.85 -16.58 0.59
CA HIS A 86 13.21 -17.26 1.78
C HIS A 86 12.52 -16.66 3.00
N VAL A 87 12.47 -15.34 3.09
CA VAL A 87 11.79 -14.75 4.22
C VAL A 87 10.27 -15.04 4.19
N PHE A 88 9.70 -15.13 2.99
CA PHE A 88 8.31 -15.55 2.89
C PHE A 88 8.16 -16.97 3.39
N SER A 89 9.11 -17.82 3.05
CA SER A 89 8.97 -19.24 3.47
C SER A 89 8.98 -19.34 5.01
N VAL A 90 9.90 -18.63 5.65
CA VAL A 90 9.93 -18.61 7.10
C VAL A 90 8.70 -17.91 7.68
N GLY A 91 8.37 -16.74 7.18
CA GLY A 91 7.22 -16.00 7.74
C GLY A 91 5.92 -16.78 7.60
N LEU A 92 5.68 -17.36 6.43
CA LEU A 92 4.45 -18.14 6.20
C LEU A 92 4.47 -19.37 7.13
N ASP A 93 5.65 -19.96 7.30
CA ASP A 93 5.72 -21.11 8.24
C ASP A 93 5.39 -20.71 9.68
N LEU A 94 5.77 -19.48 10.06
CA LEU A 94 5.34 -18.94 11.33
C LEU A 94 3.94 -18.40 11.40
N GLY A 95 3.22 -18.45 10.27
CA GLY A 95 1.83 -18.01 10.18
C GLY A 95 1.61 -16.52 10.02
N LEU A 96 2.68 -15.78 9.68
CA LEU A 96 2.58 -14.33 9.71
C LEU A 96 1.71 -13.81 8.55
N PRO A 97 0.93 -12.74 8.81
CA PRO A 97 0.04 -12.19 7.83
C PRO A 97 0.76 -11.37 6.75
N VAL A 98 0.02 -10.98 5.72
CA VAL A 98 0.67 -10.44 4.53
C VAL A 98 1.34 -9.12 4.88
N GLY A 99 0.75 -8.37 5.81
CA GLY A 99 1.33 -7.13 6.26
C GLY A 99 2.65 -7.30 7.02
N SER A 100 2.87 -8.47 7.61
CA SER A 100 4.14 -8.76 8.23
C SER A 100 5.16 -9.08 7.13
N LEU A 101 4.72 -9.74 6.07
CA LEU A 101 5.68 -10.23 5.08
C LEU A 101 6.16 -9.07 4.19
N ALA A 102 5.31 -8.07 4.01
CA ALA A 102 5.64 -6.96 3.08
C ALA A 102 6.95 -6.25 3.44
N PRO A 103 7.08 -5.71 4.67
CA PRO A 103 8.36 -5.04 4.98
C PRO A 103 9.56 -5.97 5.00
N LEU A 104 9.32 -7.24 5.31
CA LEU A 104 10.42 -8.19 5.28
C LEU A 104 10.97 -8.40 3.84
N ALA A 105 10.11 -8.44 2.83
CA ALA A 105 10.56 -8.50 1.44
C ALA A 105 11.14 -7.17 1.02
N ALA A 106 10.51 -6.07 1.44
CA ALA A 106 11.07 -4.76 1.10
C ALA A 106 12.52 -4.64 1.53
N SER A 107 12.88 -5.18 2.68
CA SER A 107 14.22 -5.03 3.17
C SER A 107 15.23 -5.63 2.17
N GLU A 108 14.83 -6.71 1.49
CA GLU A 108 15.74 -7.39 0.58
C GLU A 108 16.00 -6.52 -0.65
N ALA A 109 14.96 -5.82 -1.09
CA ALA A 109 15.12 -4.90 -2.20
C ALA A 109 16.05 -3.75 -1.82
N GLY A 110 15.94 -3.29 -0.58
CA GLY A 110 16.84 -2.27 -0.06
C GLY A 110 18.28 -2.76 -0.10
N GLN A 111 18.48 -4.02 0.29
CA GLN A 111 19.83 -4.55 0.33
C GLN A 111 20.38 -4.58 -1.07
N ASN A 112 19.59 -5.05 -2.02
CA ASN A 112 20.08 -5.02 -3.37
C ASN A 112 20.43 -3.58 -3.80
N GLY A 113 19.61 -2.59 -3.40
CA GLY A 113 19.93 -1.19 -3.77
C GLY A 113 21.20 -0.72 -3.15
N HIS A 114 21.45 -1.14 -1.90
CA HIS A 114 22.73 -0.77 -1.31
C HIS A 114 23.94 -1.37 -2.05
N ILE A 115 23.79 -2.63 -2.47
CA ILE A 115 24.86 -3.31 -3.23
C ILE A 115 25.10 -2.56 -4.54
N LEU A 116 24.03 -2.29 -5.27
CA LEU A 116 24.19 -1.63 -6.56
C LEU A 116 24.80 -0.23 -6.41
N ALA A 117 24.33 0.53 -5.43
CA ALA A 117 24.83 1.89 -5.24
C ALA A 117 26.31 1.84 -4.87
N ALA A 118 26.74 0.82 -4.12
CA ALA A 118 28.15 0.72 -3.74
C ALA A 118 29.01 0.62 -4.99
N LEU A 120 28.45 1.84 -7.79
CA LEU A 120 28.41 3.10 -8.57
C LEU A 120 28.84 4.29 -7.74
N ALA A 121 29.35 4.04 -6.53
CA ALA A 121 29.73 5.12 -5.62
C ALA A 121 30.77 6.02 -6.27
N SER A 122 31.69 5.42 -6.99
CA SER A 122 32.80 6.28 -7.50
C SER A 122 32.29 7.22 -8.58
N GLU A 123 31.08 6.97 -9.11
CA GLU A 123 30.44 7.87 -10.10
C GLU A 123 29.54 8.88 -9.43
N GLY A 124 29.48 8.87 -8.11
CA GLY A 124 28.70 9.84 -7.35
C GLY A 124 27.33 9.34 -7.00
N VAL A 125 27.09 8.04 -7.17
CA VAL A 125 25.71 7.51 -6.97
C VAL A 125 25.63 6.93 -5.54
N SER A 126 24.53 7.22 -4.87
CA SER A 126 24.26 6.63 -3.54
C SER A 126 22.86 6.08 -3.50
N TYR A 127 22.62 5.23 -2.52
CA TYR A 127 21.30 4.72 -2.23
C TYR A 127 20.63 5.78 -1.41
N VAL A 128 19.36 6.03 -1.68
CA VAL A 128 18.50 6.94 -0.88
C VAL A 128 17.30 6.20 -0.36
N GLU A 129 16.90 6.54 0.87
CA GLU A 129 15.80 5.84 1.47
C GLU A 129 14.41 6.38 1.01
N HIS A 130 13.34 5.64 1.32
CA HIS A 130 12.00 5.99 0.83
C HIS A 130 11.58 7.46 1.09
N PRO A 131 11.74 7.94 2.33
CA PRO A 131 11.31 9.34 2.57
C PRO A 131 12.05 10.32 1.65
N THR A 132 13.33 10.03 1.35
CA THR A 132 14.14 10.89 0.48
C THR A 132 13.69 10.83 -0.96
N VAL A 133 13.40 9.61 -1.42
CA VAL A 133 12.80 9.43 -2.74
C VAL A 133 11.46 10.18 -2.82
N ALA A 134 10.66 10.09 -1.77
CA ALA A 134 9.31 10.69 -1.77
C ALA A 134 9.31 12.23 -1.79
N ASP A 135 10.27 12.80 -1.07
CA ASP A 135 10.30 14.24 -0.80
C ASP A 135 11.47 15.03 -1.37
N GLN A 136 12.61 14.36 -1.56
CA GLN A 136 13.85 15.08 -1.86
C GLN A 136 14.54 14.55 -3.10
N LEU A 137 13.82 13.85 -3.99
CA LEU A 137 14.50 13.34 -5.14
C LEU A 137 15.03 14.46 -6.02
N ALA A 138 14.29 15.57 -6.13
CA ALA A 138 14.70 16.59 -7.09
C ALA A 138 16.06 17.15 -6.67
N ILE A 139 16.25 17.45 -5.39
CA ILE A 139 17.55 17.97 -5.00
C ILE A 139 18.61 16.90 -5.20
N HIS A 140 18.33 15.62 -4.92
CA HIS A 140 19.36 14.58 -5.10
C HIS A 140 19.77 14.39 -6.56
N LEU A 141 18.80 14.55 -7.47
CA LEU A 141 19.15 14.45 -8.85
C LEU A 141 19.75 15.71 -9.42
N SER A 142 19.71 16.79 -8.66
CA SER A 142 20.47 18.00 -8.95
C SER A 142 21.93 17.79 -8.53
N ALA A 143 22.16 17.04 -7.45
CA ALA A 143 23.50 16.86 -6.89
C ALA A 143 24.27 15.87 -7.76
N THR A 144 23.59 14.89 -8.33
CA THR A 144 24.30 13.80 -8.97
C THR A 144 23.44 13.23 -10.08
N ARG A 145 24.02 12.42 -10.95
CA ARG A 145 23.27 12.02 -12.17
C ARG A 145 22.28 10.89 -11.95
N ALA A 146 22.53 10.05 -10.95
CA ALA A 146 21.60 8.94 -10.67
C ALA A 146 21.57 8.65 -9.18
N VAL A 147 20.43 8.15 -8.71
CA VAL A 147 20.41 7.64 -7.34
C VAL A 147 19.73 6.30 -7.40
N VAL A 148 20.02 5.50 -6.39
CA VAL A 148 19.44 4.17 -6.31
C VAL A 148 18.51 4.14 -5.14
N GLY A 149 17.40 3.44 -5.28
CA GLY A 149 16.50 3.30 -4.14
C GLY A 149 15.84 1.95 -4.24
N SER A 150 15.02 1.67 -3.24
CA SER A 150 14.21 0.41 -3.27
C SER A 150 13.01 0.56 -4.16
N ALA A 151 12.73 -0.48 -4.96
CA ALA A 151 11.50 -0.45 -5.77
C ALA A 151 10.26 -0.79 -4.96
N PHE A 152 10.41 -1.46 -3.83
CA PHE A 152 9.20 -1.80 -3.05
C PHE A 152 8.59 -0.57 -2.43
N PRO A 153 7.26 -0.52 -2.41
CA PRO A 153 6.62 0.64 -1.86
C PRO A 153 6.47 0.45 -0.36
N PRO A 154 6.39 1.57 0.37
CA PRO A 154 6.31 1.49 1.84
C PRO A 154 4.91 1.15 2.35
N TYR A 155 4.30 0.05 1.88
CA TYR A 155 2.95 -0.35 2.31
C TYR A 155 3.03 -1.04 3.64
N HIS A 156 3.98 -1.94 3.74
CA HIS A 156 4.33 -2.57 5.01
C HIS A 156 3.19 -3.12 5.75
N HIS A 157 2.94 -2.74 7.01
CA HIS A 157 1.85 -3.43 7.71
C HIS A 157 0.49 -3.02 7.17
N HIS A 158 0.44 -2.03 6.28
CA HIS A 158 -0.82 -1.66 5.64
C HIS A 158 -0.95 -2.23 4.25
N GLU A 159 -0.26 -3.34 4.00
CA GLU A 159 -0.46 -4.05 2.75
C GLU A 159 -1.90 -4.55 2.67
N PHE A 160 -2.43 -4.68 1.46
CA PHE A 160 -3.82 -5.11 1.33
C PHE A 160 -3.94 -6.61 1.59
N PRO A 161 -5.07 -7.03 2.15
CA PRO A 161 -5.29 -8.43 2.42
C PRO A 161 -5.80 -9.17 1.18
N GLY A 162 -5.80 -10.49 1.24
CA GLY A 162 -6.40 -11.28 0.16
C GLY A 162 -5.48 -12.39 -0.24
N SER A 163 -4.26 -12.07 -0.62
CA SER A 163 -3.24 -13.06 -0.88
C SER A 163 -2.35 -13.08 0.37
N ARG A 164 -1.73 -14.23 0.65
CA ARG A 164 -0.74 -14.33 1.70
C ARG A 164 0.60 -13.80 1.22
N ILE A 165 0.71 -13.51 -0.09
CA ILE A 165 1.93 -12.91 -0.65
C ILE A 165 1.68 -11.43 -0.88
N PRO A 166 2.55 -10.57 -0.31
CA PRO A 166 2.35 -9.12 -0.53
C PRO A 166 2.17 -8.77 -2.00
N PRO A 167 1.04 -8.15 -2.37
CA PRO A 167 0.85 -7.87 -3.77
C PRO A 167 1.58 -6.67 -4.34
N HIS A 168 1.86 -5.65 -3.51
CA HIS A 168 2.48 -4.43 -4.04
C HIS A 168 3.99 -4.54 -3.92
N ARG A 169 4.59 -5.13 -4.96
CA ARG A 169 5.99 -5.40 -4.91
C ARG A 169 6.78 -4.41 -5.75
N ALA A 170 7.92 -4.84 -6.26
CA ALA A 170 8.90 -3.90 -6.78
C ALA A 170 8.41 -3.30 -8.11
N ASP A 171 7.86 -4.11 -9.02
CA ASP A 171 7.36 -3.54 -10.29
C ASP A 171 6.30 -2.53 -10.00
N THR A 172 5.44 -2.89 -9.04
CA THR A 172 4.30 -2.02 -8.70
C THR A 172 4.80 -0.73 -8.08
N GLY A 173 5.74 -0.81 -7.12
CA GLY A 173 6.22 0.40 -6.47
C GLY A 173 6.92 1.32 -7.48
N ALA A 174 7.73 0.72 -8.34
CA ALA A 174 8.50 1.53 -9.31
C ALA A 174 7.52 2.21 -10.25
N PHE A 175 6.45 1.51 -10.62
CA PHE A 175 5.50 2.16 -11.50
C PHE A 175 4.74 3.28 -10.78
N LEU A 176 4.31 3.01 -9.55
CA LEU A 176 3.63 4.05 -8.81
C LEU A 176 4.47 5.31 -8.75
N LEU A 177 5.75 5.18 -8.43
CA LEU A 177 6.60 6.32 -8.38
C LEU A 177 6.78 6.99 -9.71
N ALA A 178 7.07 6.21 -10.74
CA ALA A 178 7.30 6.75 -12.06
C ALA A 178 6.07 7.53 -12.51
N ASP A 179 4.89 6.95 -12.28
CA ASP A 179 3.73 7.64 -12.76
C ASP A 179 3.36 8.88 -11.92
N ALA A 180 3.57 8.79 -10.60
CA ALA A 180 3.31 9.95 -9.71
C ALA A 180 4.21 11.10 -10.10
N PHE A 181 5.48 10.78 -10.40
CA PHE A 181 6.38 11.82 -10.84
C PHE A 181 6.11 12.32 -12.25
N GLY A 182 5.38 11.56 -13.07
CA GLY A 182 5.19 11.92 -14.47
C GLY A 182 6.52 11.78 -15.22
N ALA A 183 7.26 10.75 -14.84
CA ALA A 183 8.58 10.50 -15.46
C ALA A 183 8.47 10.25 -16.94
N ALA A 184 9.62 10.47 -17.62
CA ALA A 184 9.67 10.25 -19.04
C ALA A 184 9.55 8.76 -19.35
N GLY A 185 9.85 7.87 -18.40
CA GLY A 185 9.67 6.45 -18.70
C GLY A 185 9.89 5.60 -17.47
N LEU A 186 9.50 4.34 -17.58
CA LEU A 186 9.87 3.30 -16.64
C LEU A 186 10.28 2.09 -17.48
N THR A 187 11.49 1.62 -17.22
CA THR A 187 11.99 0.44 -17.90
C THR A 187 12.25 -0.60 -16.83
N ILE A 188 11.78 -1.81 -17.06
CA ILE A 188 11.87 -2.89 -16.13
C ILE A 188 12.90 -3.84 -16.67
N VAL A 189 13.95 -4.05 -15.91
CA VAL A 189 15.13 -4.81 -16.35
C VAL A 189 15.07 -6.19 -15.66
N GLU A 190 14.87 -7.23 -16.47
CA GLU A 190 14.61 -8.57 -15.96
C GLU A 190 15.66 -9.55 -16.44
N ASN A 191 15.50 -10.79 -16.01
CA ASN A 191 16.46 -11.83 -16.36
C ASN A 191 15.94 -12.64 -17.54
N VAL A 192 14.90 -12.14 -18.19
CA VAL A 192 14.29 -12.75 -19.37
C VAL A 192 14.08 -11.68 -20.42
N ASP A 193 13.84 -12.12 -21.66
CA ASP A 193 13.64 -11.15 -22.74
C ASP A 193 12.43 -10.23 -22.60
N GLY A 194 11.41 -10.69 -21.90
CA GLY A 194 10.19 -9.92 -21.75
C GLY A 194 9.15 -10.90 -21.28
N ILE A 195 7.91 -10.65 -21.67
CA ILE A 195 6.78 -11.48 -21.23
C ILE A 195 6.55 -12.53 -22.31
N TYR A 196 6.39 -13.77 -21.85
CA TYR A 196 5.99 -14.87 -22.72
C TYR A 196 4.57 -15.31 -22.35
N THR A 197 4.02 -16.16 -23.21
CA THR A 197 2.71 -16.75 -22.94
C THR A 197 2.73 -17.80 -21.83
N ALA A 198 3.92 -18.23 -21.40
CA ALA A 198 4.04 -19.04 -20.17
C ALA A 198 5.42 -18.78 -19.61
N ASP A 199 5.66 -19.28 -18.39
CA ASP A 199 6.94 -19.03 -17.73
C ASP A 199 8.00 -19.68 -18.60
N PRO A 200 8.93 -18.90 -19.18
CA PRO A 200 9.92 -19.54 -20.05
C PRO A 200 10.98 -20.31 -19.25
N ASN A 201 10.91 -20.29 -17.93
CA ASN A 201 11.78 -21.15 -17.13
C ASN A 201 10.98 -22.19 -16.37
N GLY A 202 9.72 -22.39 -16.77
CA GLY A 202 8.76 -23.19 -15.98
C GLY A 202 8.45 -24.56 -16.56
N PRO A 203 7.51 -25.29 -15.94
CA PRO A 203 7.04 -26.59 -16.46
C PRO A 203 6.56 -26.49 -17.91
N ASP A 204 5.83 -25.41 -18.26
CA ASP A 204 5.25 -25.26 -19.61
C ASP A 204 6.15 -24.45 -20.55
N ARG A 205 7.41 -24.40 -20.19
CA ARG A 205 8.45 -23.67 -20.92
C ARG A 205 8.40 -23.92 -22.43
N GLY A 206 8.00 -25.13 -22.82
CA GLY A 206 8.00 -25.54 -24.23
C GLY A 206 7.03 -24.77 -25.12
N GLN A 207 5.93 -24.36 -24.53
CA GLN A 207 4.86 -23.66 -25.24
C GLN A 207 4.88 -22.13 -25.00
N ALA A 208 5.92 -21.63 -24.35
CA ALA A 208 6.04 -20.20 -24.04
C ALA A 208 6.44 -19.42 -25.30
N ARG A 209 5.55 -18.56 -25.79
CA ARG A 209 5.85 -17.72 -26.95
C ARG A 209 6.09 -16.28 -26.47
N PHE A 210 7.08 -15.65 -27.08
CA PHE A 210 7.45 -14.28 -26.72
C PHE A 210 6.38 -13.27 -27.19
N LEU A 211 6.04 -12.32 -26.30
CA LEU A 211 5.11 -11.24 -26.61
C LEU A 211 5.86 -9.92 -26.78
N PRO A 212 6.09 -9.49 -28.02
CA PRO A 212 6.80 -8.22 -28.20
C PRO A 212 6.02 -7.02 -27.67
N GLU A 213 4.71 -7.14 -27.66
CA GLU A 213 3.93 -6.00 -27.25
C GLU A 213 2.63 -6.51 -26.66
N THR A 214 2.16 -5.88 -25.60
CA THR A 214 0.90 -6.27 -25.02
C THR A 214 0.30 -5.08 -24.31
N SER A 215 -0.90 -5.22 -23.83
CA SER A 215 -1.49 -4.16 -23.04
C SER A 215 -1.71 -4.68 -21.64
N ALA A 216 -1.74 -3.78 -20.68
CA ALA A 216 -2.01 -4.18 -19.34
C ALA A 216 -3.35 -4.87 -19.24
N THR A 217 -4.35 -4.37 -19.95
CA THR A 217 -5.70 -4.96 -19.83
C THR A 217 -5.71 -6.38 -20.39
N ASP A 218 -4.97 -6.62 -21.47
CA ASP A 218 -4.89 -8.00 -22.02
C ASP A 218 -4.20 -8.92 -21.04
N LEU A 219 -3.13 -8.43 -20.40
CA LEU A 219 -2.46 -9.22 -19.39
C LEU A 219 -3.33 -9.46 -18.18
N ALA A 220 -4.11 -8.48 -17.76
CA ALA A 220 -4.91 -8.59 -16.54
C ALA A 220 -5.98 -9.67 -16.66
N LYS A 221 -6.43 -9.92 -17.89
CA LYS A 221 -7.48 -10.90 -18.14
C LYS A 221 -6.96 -12.29 -18.53
N SER A 222 -5.64 -12.46 -18.49
CA SER A 222 -5.06 -13.78 -18.65
C SER A 222 -4.76 -14.29 -17.25
N GLU A 223 -4.89 -15.58 -17.08
CA GLU A 223 -4.45 -16.21 -15.87
C GLU A 223 -3.07 -16.78 -16.15
N GLY A 224 -2.26 -16.90 -15.12
CA GLY A 224 -0.96 -17.50 -15.34
C GLY A 224 0.08 -16.56 -14.84
N PRO A 225 1.31 -17.06 -14.68
CA PRO A 225 2.40 -16.26 -14.14
C PRO A 225 2.91 -15.26 -15.17
N LEU A 226 3.50 -14.20 -14.64
CA LEU A 226 4.10 -13.13 -15.41
C LEU A 226 5.43 -12.81 -14.76
N PRO A 227 6.32 -12.11 -15.48
CA PRO A 227 7.55 -11.65 -14.87
C PRO A 227 7.32 -10.31 -14.18
N VAL A 228 6.08 -9.81 -14.19
CA VAL A 228 5.80 -8.59 -13.43
C VAL A 228 4.65 -8.83 -12.47
N ASP A 229 4.61 -8.03 -11.40
CA ASP A 229 3.49 -8.15 -10.42
C ASP A 229 2.15 -7.99 -11.10
N ARG A 230 1.17 -8.77 -10.68
CA ARG A 230 -0.19 -8.51 -11.16
C ARG A 230 -0.70 -7.15 -10.75
N ALA A 231 -0.29 -6.69 -9.57
CA ALA A 231 -0.73 -5.37 -9.13
C ALA A 231 -0.23 -4.27 -10.06
N LEU A 232 0.85 -4.55 -10.82
CA LEU A 232 1.36 -3.51 -11.73
C LEU A 232 0.27 -3.23 -12.78
N LEU A 233 -0.42 -4.27 -13.22
CA LEU A 233 -1.48 -4.07 -14.19
C LEU A 233 -2.60 -3.23 -13.60
N ASP A 234 -2.87 -3.40 -12.31
CA ASP A 234 -3.95 -2.64 -11.70
C ASP A 234 -3.59 -1.15 -11.57
N VAL A 235 -2.35 -0.87 -11.20
CA VAL A 235 -1.94 0.51 -11.11
C VAL A 235 -1.74 1.13 -12.49
N ALA A 237 -3.90 0.69 -14.80
CA ALA A 237 -5.25 1.07 -15.14
C ALA A 237 -5.62 2.45 -14.61
N THR A 238 -5.04 2.86 -13.47
CA THR A 238 -5.38 4.15 -12.88
C THR A 238 -4.26 5.17 -13.16
N ALA A 239 -3.28 4.79 -13.97
CA ALA A 239 -2.14 5.69 -14.26
C ALA A 239 -2.56 6.97 -14.94
N ARG A 240 -1.76 8.03 -14.77
CA ARG A 240 -2.10 9.29 -15.35
C ARG A 240 -1.14 9.72 -16.43
N HIS A 241 0.06 9.14 -16.48
CA HIS A 241 1.09 9.66 -17.38
C HIS A 241 1.82 8.63 -18.21
N ILE A 242 2.32 7.58 -17.56
CA ILE A 242 3.17 6.60 -18.26
C ILE A 242 2.31 5.80 -19.25
N GLU A 243 2.64 5.90 -20.54
CA GLU A 243 1.85 5.26 -21.56
C GLU A 243 2.37 3.85 -21.89
N ARG A 244 3.68 3.62 -21.66
CA ARG A 244 4.23 2.32 -22.00
C ARG A 244 5.38 2.05 -21.03
N VAL A 245 5.54 0.78 -20.72
CA VAL A 245 6.62 0.34 -19.91
C VAL A 245 7.26 -0.79 -20.68
N GLN A 246 8.57 -0.73 -20.83
CA GLN A 246 9.23 -1.83 -21.52
C GLN A 246 9.95 -2.75 -20.54
N VAL A 247 9.74 -4.06 -20.72
CA VAL A 247 10.45 -5.07 -19.96
C VAL A 247 11.56 -5.61 -20.87
N VAL A 248 12.80 -5.55 -20.39
CA VAL A 248 13.97 -5.93 -21.20
C VAL A 248 14.93 -6.79 -20.44
N ASN A 249 15.75 -7.50 -21.18
CA ASN A 249 16.68 -8.44 -20.55
C ASN A 249 17.97 -7.74 -20.15
N GLY A 250 18.14 -7.48 -18.86
CA GLY A 250 19.36 -6.84 -18.39
C GLY A 250 20.55 -7.76 -18.44
N LEU A 251 20.37 -9.03 -18.80
CA LEU A 251 21.51 -9.94 -18.97
C LEU A 251 22.11 -9.79 -20.33
N VAL A 252 21.48 -9.00 -21.20
CA VAL A 252 22.04 -8.74 -22.53
C VAL A 252 22.55 -7.29 -22.59
N PRO A 253 23.89 -7.09 -22.60
CA PRO A 253 24.40 -5.71 -22.63
C PRO A 253 23.82 -4.88 -23.73
N GLY A 254 23.41 -3.65 -23.42
CA GLY A 254 22.97 -2.76 -24.47
C GLY A 254 21.45 -2.66 -24.57
N ARG A 255 20.73 -3.63 -24.03
CA ARG A 255 19.26 -3.56 -24.06
C ARG A 255 18.66 -2.44 -23.21
N LEU A 256 19.21 -2.25 -22.03
CA LEU A 256 18.76 -1.17 -21.20
C LEU A 256 19.05 0.18 -21.89
N THR A 257 20.25 0.33 -22.47
CA THR A 257 20.58 1.56 -23.24
C THR A 257 19.58 1.81 -24.35
N ALA A 258 19.30 0.76 -25.12
CA ALA A 258 18.37 0.88 -26.24
C ALA A 258 16.99 1.24 -25.73
N ALA A 259 16.53 0.57 -24.66
CA ALA A 259 15.19 0.80 -24.15
C ALA A 259 15.02 2.23 -23.66
N LEU A 260 16.07 2.75 -23.05
CA LEU A 260 16.01 4.13 -22.59
C LEU A 260 15.96 5.14 -23.74
N ARG A 261 16.33 4.75 -24.97
CA ARG A 261 16.20 5.60 -26.15
C ARG A 261 14.90 5.24 -26.89
N GLY A 262 14.06 4.40 -26.28
CA GLY A 262 12.82 4.04 -26.92
C GLY A 262 12.87 2.94 -27.93
N GLU A 263 14.03 2.29 -28.10
CA GLU A 263 14.14 1.20 -29.04
C GLU A 263 13.42 -0.05 -28.48
N HIS A 264 12.81 -0.82 -29.37
CA HIS A 264 12.00 -1.94 -28.98
C HIS A 264 12.89 -3.15 -28.94
N VAL A 265 13.27 -3.57 -27.75
CA VAL A 265 14.20 -4.67 -27.56
C VAL A 265 13.70 -5.71 -26.56
N GLY A 266 12.52 -5.51 -26.00
CA GLY A 266 11.89 -6.49 -25.12
C GLY A 266 10.39 -6.39 -25.31
N THR A 267 9.63 -6.49 -24.23
CA THR A 267 8.19 -6.47 -24.37
C THR A 267 7.69 -5.07 -23.96
N LEU A 268 6.95 -4.42 -24.84
CA LEU A 268 6.30 -3.16 -24.50
C LEU A 268 4.95 -3.45 -23.90
N ILE A 269 4.67 -2.89 -22.72
CA ILE A 269 3.36 -2.96 -22.13
C ILE A 269 2.70 -1.60 -22.23
N ARG A 270 1.56 -1.55 -22.94
CA ARG A 270 0.75 -0.33 -23.03
C ARG A 270 -0.14 -0.23 -21.82
N THR A 271 -0.04 0.91 -21.11
CA THR A 271 -0.80 1.04 -19.88
C THR A 271 -2.23 1.47 -20.10
N GLY A 272 -2.55 1.96 -21.28
CA GLY A 272 -3.91 2.46 -21.43
C GLY A 272 -4.05 3.95 -21.12
N VAL A 273 -3.03 4.58 -20.55
CA VAL A 273 -2.98 6.03 -20.56
C VAL A 273 -2.93 6.52 -22.01
N ARG A 274 -3.74 7.52 -22.33
CA ARG A 274 -3.54 8.19 -23.64
C ARG A 274 -3.08 9.64 -23.51
N PRO A 275 -2.45 10.20 -24.57
CA PRO A 275 -1.83 11.52 -24.40
C PRO A 275 -2.92 12.60 -24.29
N ALA A 276 -2.58 13.76 -23.73
CA ALA A 276 -3.58 14.80 -23.48
C ALA A 276 -3.89 15.51 -24.77
N ASN B 3 0.13 -29.95 0.85
CA ASN B 3 0.50 -28.50 0.96
C ASN B 3 1.58 -28.19 2.00
N SER B 4 2.52 -29.13 2.17
CA SER B 4 3.57 -29.02 3.21
C SER B 4 4.45 -27.78 3.05
N THR B 5 5.21 -27.49 4.12
CA THR B 5 6.32 -26.53 4.08
C THR B 5 7.18 -26.74 2.83
N ALA B 6 7.54 -28.01 2.59
CA ALA B 6 8.44 -28.40 1.49
C ALA B 6 7.92 -28.03 0.10
N GLU B 7 6.66 -28.34 -0.18
CA GLU B 7 6.04 -28.00 -1.47
C GLU B 7 5.93 -26.47 -1.64
N LEU B 8 5.49 -25.79 -0.58
CA LEU B 8 5.47 -24.34 -0.56
C LEU B 8 6.88 -23.76 -0.76
N GLU B 9 7.88 -24.29 -0.03
CA GLU B 9 9.22 -23.75 -0.20
C GLU B 9 9.75 -23.98 -1.62
N GLU B 10 9.44 -25.12 -2.23
CA GLU B 10 9.85 -25.36 -3.61
C GLU B 10 9.23 -24.36 -4.56
N LEU B 11 7.92 -24.17 -4.47
CA LEU B 11 7.24 -23.20 -5.30
C LEU B 11 7.82 -21.81 -5.08
N LEU B 12 8.06 -21.46 -3.82
CA LEU B 12 8.58 -20.12 -3.50
C LEU B 12 9.92 -19.89 -4.16
N GLN B 14 11.04 -21.56 -7.00
CA GLN B 14 11.10 -21.85 -8.41
C GLN B 14 10.08 -21.13 -9.28
N ARG B 15 9.09 -20.47 -8.70
CA ARG B 15 8.06 -19.81 -9.50
C ARG B 15 8.08 -18.31 -9.28
N SER B 16 7.47 -17.57 -10.20
CA SER B 16 7.14 -16.19 -9.88
C SER B 16 6.10 -16.18 -8.76
N LEU B 17 6.17 -15.15 -7.94
CA LEU B 17 5.13 -14.92 -6.92
C LEU B 17 3.76 -14.76 -7.53
N THR B 18 3.68 -14.52 -8.85
CA THR B 18 2.41 -14.35 -9.55
C THR B 18 1.86 -15.71 -9.96
N ASP B 19 2.64 -16.76 -9.74
CA ASP B 19 2.22 -18.10 -10.23
C ASP B 19 1.03 -18.54 -9.39
N PRO B 20 -0.11 -18.89 -10.04
CA PRO B 20 -1.33 -19.32 -9.33
C PRO B 20 -1.09 -20.50 -8.39
N GLN B 21 -0.13 -21.36 -8.71
CA GLN B 21 0.18 -22.50 -7.85
C GLN B 21 0.85 -22.10 -6.56
N LEU B 22 1.78 -21.15 -6.67
CA LEU B 22 2.46 -20.63 -5.47
C LEU B 22 1.40 -19.89 -4.64
N GLN B 23 0.59 -19.06 -5.29
CA GLN B 23 -0.43 -18.30 -4.57
C GLN B 23 -1.32 -19.21 -3.75
N ALA B 24 -1.77 -20.30 -4.38
CA ALA B 24 -2.63 -21.28 -3.69
C ALA B 24 -1.94 -21.97 -2.50
N ALA B 25 -0.67 -22.34 -2.68
CA ALA B 25 0.09 -22.96 -1.60
C ALA B 25 0.30 -22.02 -0.40
N ALA B 26 0.62 -20.76 -0.70
CA ALA B 26 0.75 -19.77 0.37
C ALA B 26 -0.57 -19.58 1.13
N ALA B 27 -1.72 -19.70 0.43
CA ALA B 27 -3.04 -19.46 1.06
C ALA B 27 -3.34 -20.50 2.11
N ALA B 28 -2.68 -21.63 1.99
CA ALA B 28 -2.86 -22.73 2.96
C ALA B 28 -1.99 -22.61 4.20
N ALA B 29 -1.16 -21.55 4.28
CA ALA B 29 -0.32 -21.36 5.47
C ALA B 29 -1.15 -21.14 6.71
N ALA B 30 -0.57 -21.46 7.87
CA ALA B 30 -1.18 -21.14 9.15
C ALA B 30 -1.44 -19.66 9.25
N ASP B 31 -2.35 -19.30 10.16
CA ASP B 31 -2.80 -17.95 10.28
C ASP B 31 -2.60 -17.51 11.73
N PHE B 32 -1.51 -16.81 12.00
CA PHE B 32 -1.26 -16.26 13.32
C PHE B 32 -1.88 -14.87 13.47
N ARG B 33 -2.61 -14.65 14.55
CA ARG B 33 -3.14 -13.34 14.91
C ARG B 33 -2.20 -12.67 15.91
N ILE B 34 -1.69 -11.50 15.55
CA ILE B 34 -0.67 -10.84 16.35
C ILE B 34 -1.22 -10.24 17.62
N LEU B 35 -2.37 -9.59 17.50
CA LEU B 35 -3.02 -8.97 18.67
C LEU B 35 -4.49 -9.30 18.71
N PRO B 36 -4.83 -10.57 18.94
CA PRO B 36 -6.18 -11.05 18.75
C PRO B 36 -7.16 -10.48 19.78
N ASP B 37 -6.68 -10.04 20.94
CA ASP B 37 -7.60 -9.55 21.95
C ASP B 37 -7.78 -8.03 21.92
N ALA B 38 -7.22 -7.33 20.93
CA ALA B 38 -7.39 -5.88 20.84
C ALA B 38 -8.57 -5.53 19.96
N THR B 39 -9.16 -4.38 20.26
CA THR B 39 -10.14 -3.76 19.38
C THR B 39 -9.49 -2.51 18.79
N VAL B 40 -9.66 -2.33 17.51
CA VAL B 40 -9.22 -1.09 16.84
C VAL B 40 -10.47 -0.19 16.74
N ILE B 41 -10.29 1.04 17.19
CA ILE B 41 -11.32 2.05 17.08
C ILE B 41 -10.79 3.23 16.29
N LYS B 42 -11.61 3.75 15.39
CA LYS B 42 -11.23 5.01 14.75
C LYS B 42 -12.06 6.12 15.29
N ILE B 43 -11.38 7.14 15.83
CA ILE B 43 -12.05 8.38 16.26
C ILE B 43 -12.10 9.32 15.06
N GLY B 44 -13.30 9.66 14.60
CA GLY B 44 -13.48 10.49 13.39
C GLY B 44 -12.77 11.82 13.44
N GLY B 45 -12.24 12.25 12.30
CA GLY B 45 -11.60 13.55 12.23
C GLY B 45 -12.66 14.61 12.06
N GLN B 46 -13.27 14.65 10.89
CA GLN B 46 -14.31 15.62 10.68
C GLN B 46 -15.49 15.36 11.61
N SER B 47 -15.76 14.09 11.86
CA SER B 47 -16.98 13.78 12.60
C SER B 47 -16.86 13.94 14.09
N VAL B 48 -15.65 13.90 14.64
CA VAL B 48 -15.51 13.96 16.08
C VAL B 48 -14.46 15.01 16.50
N ILE B 49 -13.21 14.81 16.14
CA ILE B 49 -12.17 15.65 16.71
C ILE B 49 -12.34 17.11 16.27
N ASP B 50 -12.72 17.33 15.03
CA ASP B 50 -12.91 18.68 14.56
C ASP B 50 -14.02 19.39 15.33
N ARG B 51 -14.85 18.62 16.04
CA ARG B 51 -15.95 19.27 16.78
C ARG B 51 -15.50 19.74 18.16
N GLY B 52 -14.28 19.43 18.57
CA GLY B 52 -13.74 19.99 19.79
C GLY B 52 -14.25 19.30 21.06
N ARG B 53 -14.24 20.04 22.16
CA ARG B 53 -14.42 19.51 23.51
C ARG B 53 -15.74 18.74 23.68
N ALA B 54 -16.82 19.30 23.15
CA ALA B 54 -18.14 18.67 23.34
C ALA B 54 -18.17 17.26 22.82
N ALA B 55 -17.40 16.96 21.76
CA ALA B 55 -17.39 15.62 21.22
C ALA B 55 -16.22 14.82 21.83
N VAL B 56 -15.07 15.49 22.03
CA VAL B 56 -13.88 14.73 22.37
C VAL B 56 -13.81 14.35 23.86
N TYR B 57 -14.17 15.27 24.73
CA TYR B 57 -14.07 14.98 26.18
C TYR B 57 -14.86 13.75 26.60
N PRO B 58 -16.12 13.60 26.16
CA PRO B 58 -16.83 12.41 26.62
C PRO B 58 -16.17 11.15 26.11
N LEU B 59 -15.61 11.20 24.89
CA LEU B 59 -14.97 10.02 24.33
C LEU B 59 -13.67 9.71 25.04
N VAL B 60 -12.94 10.75 25.44
CA VAL B 60 -11.77 10.52 26.28
C VAL B 60 -12.20 9.79 27.55
N ASP B 61 -13.26 10.25 28.22
CA ASP B 61 -13.75 9.54 29.44
C ASP B 61 -14.11 8.11 29.14
N GLU B 62 -14.74 7.89 27.99
CA GLU B 62 -15.08 6.49 27.58
C GLU B 62 -13.87 5.63 27.40
N ILE B 63 -12.85 6.17 26.75
CA ILE B 63 -11.62 5.42 26.47
C ILE B 63 -10.98 5.09 27.79
N VAL B 64 -10.91 6.04 28.69
CA VAL B 64 -10.28 5.80 29.98
C VAL B 64 -11.01 4.71 30.78
N ALA B 65 -12.35 4.74 30.74
CA ALA B 65 -13.16 3.74 31.45
C ALA B 65 -13.01 2.38 30.80
N ALA B 66 -12.99 2.41 29.46
CA ALA B 66 -13.09 1.20 28.70
C ALA B 66 -11.82 0.39 28.78
N ARG B 67 -10.69 1.04 28.96
CA ARG B 67 -9.43 0.34 28.86
C ARG B 67 -9.23 -0.51 30.09
N LYS B 68 -10.07 -0.30 31.08
CA LYS B 68 -10.11 -1.23 32.22
C LYS B 68 -10.48 -2.68 31.81
N ASN B 69 -11.34 -2.85 30.80
CA ASN B 69 -11.84 -4.16 30.40
C ASN B 69 -11.44 -4.55 28.97
N HIS B 70 -10.83 -3.63 28.23
CA HIS B 70 -10.68 -3.83 26.79
C HIS B 70 -9.42 -3.22 26.34
N LYS B 71 -8.62 -3.97 25.56
CA LYS B 71 -7.40 -3.48 24.94
C LYS B 71 -7.75 -2.71 23.68
N LEU B 72 -7.24 -1.50 23.56
CA LEU B 72 -7.70 -0.64 22.48
C LEU B 72 -6.56 -0.08 21.69
N LEU B 73 -6.73 -0.08 20.38
CA LEU B 73 -5.82 0.68 19.48
C LEU B 73 -6.69 1.77 18.88
N ILE B 74 -6.33 3.02 19.16
CA ILE B 74 -7.27 4.12 18.89
C ILE B 74 -6.66 4.96 17.77
N GLY B 75 -7.24 4.92 16.60
CA GLY B 75 -6.66 5.67 15.44
C GLY B 75 -7.45 6.94 15.22
N THR B 76 -6.82 7.95 14.65
CA THR B 76 -7.52 9.19 14.43
C THR B 76 -7.76 9.45 12.94
N GLY B 77 -8.89 10.10 12.66
CA GLY B 77 -9.19 10.65 11.36
C GLY B 77 -8.50 11.98 11.13
N ALA B 78 -8.75 12.55 9.97
CA ALA B 78 -8.00 13.75 9.53
C ALA B 78 -8.98 14.91 9.54
N GLY B 79 -9.91 15.00 8.58
CA GLY B 79 -10.98 15.99 8.71
C GLY B 79 -10.75 17.25 7.90
N THR B 80 -11.33 18.32 8.39
CA THR B 80 -11.44 19.52 7.61
C THR B 80 -10.11 20.09 7.11
N ARG B 81 -9.08 20.07 7.95
CA ARG B 81 -7.81 20.59 7.47
C ARG B 81 -7.28 19.76 6.27
N ALA B 82 -7.49 18.44 6.27
CA ALA B 82 -7.06 17.63 5.15
C ALA B 82 -7.88 17.98 3.91
N ARG B 83 -9.19 18.20 4.08
CA ARG B 83 -9.99 18.63 2.94
C ARG B 83 -9.49 19.93 2.32
N HIS B 84 -9.05 20.85 3.18
CA HIS B 84 -8.49 22.09 2.74
C HIS B 84 -7.20 21.85 1.95
N LEU B 85 -6.29 21.08 2.54
CA LEU B 85 -5.06 20.73 1.83
C LEU B 85 -5.34 20.05 0.49
N TYR B 86 -6.28 19.09 0.47
CA TYR B 86 -6.62 18.38 -0.76
C TYR B 86 -7.18 19.35 -1.81
N SER B 87 -7.98 20.32 -1.37
CA SER B 87 -8.51 21.31 -2.31
C SER B 87 -7.38 22.15 -2.93
N ILE B 88 -6.48 22.69 -2.10
CA ILE B 88 -5.39 23.47 -2.62
C ILE B 88 -4.52 22.63 -3.57
N ALA B 89 -4.13 21.44 -3.12
CA ALA B 89 -3.22 20.64 -3.92
C ALA B 89 -3.88 20.13 -5.21
N ALA B 90 -5.13 19.67 -5.12
CA ALA B 90 -5.85 19.23 -6.33
C ALA B 90 -5.93 20.39 -7.34
N GLY B 91 -6.15 21.60 -6.85
CA GLY B 91 -6.28 22.79 -7.72
C GLY B 91 -4.99 23.11 -8.43
N LEU B 92 -3.89 22.70 -7.81
CA LEU B 92 -2.59 22.87 -8.48
C LEU B 92 -2.23 21.74 -9.43
N GLY B 93 -3.07 20.73 -9.56
CA GLY B 93 -2.75 19.63 -10.40
C GLY B 93 -1.81 18.63 -9.75
N LEU B 94 -1.75 18.64 -8.41
CA LEU B 94 -0.90 17.62 -7.77
C LEU B 94 -1.56 16.25 -7.75
N PRO B 95 -0.75 15.19 -7.86
CA PRO B 95 -1.34 13.84 -7.94
C PRO B 95 -1.68 13.26 -6.58
N ALA B 96 -2.38 12.13 -6.56
CA ALA B 96 -2.87 11.54 -5.29
C ALA B 96 -1.76 11.25 -4.29
N GLY B 97 -0.59 10.85 -4.82
CA GLY B 97 0.55 10.56 -3.95
C GLY B 97 1.02 11.79 -3.18
N VAL B 98 0.97 12.97 -3.78
CA VAL B 98 1.32 14.16 -3.04
C VAL B 98 0.24 14.48 -2.01
N LEU B 99 -1.04 14.42 -2.43
CA LEU B 99 -2.14 14.67 -1.44
C LEU B 99 -2.05 13.70 -0.26
N ALA B 100 -1.69 12.45 -0.54
CA ALA B 100 -1.64 11.48 0.56
C ALA B 100 -0.72 11.94 1.74
N GLN B 101 0.48 12.48 1.42
CA GLN B 101 1.35 12.98 2.45
C GLN B 101 0.72 14.12 3.22
N LEU B 102 0.03 15.01 2.50
CA LEU B 102 -0.64 16.11 3.21
C LEU B 102 -1.66 15.65 4.25
N GLY B 103 -2.47 14.68 3.87
CA GLY B 103 -3.49 14.21 4.79
C GLY B 103 -2.92 13.52 6.02
N SER B 104 -1.78 12.86 5.88
CA SER B 104 -1.12 12.22 6.99
C SER B 104 -0.80 13.22 8.06
N SER B 105 -0.40 14.42 7.66
CA SER B 105 -0.05 15.39 8.67
C SER B 105 -1.23 15.78 9.58
N VAL B 106 -2.42 15.83 9.01
CA VAL B 106 -3.62 16.28 9.72
C VAL B 106 -4.04 15.17 10.68
N ALA B 107 -3.96 13.92 10.23
CA ALA B 107 -4.30 12.80 11.14
C ALA B 107 -3.32 12.78 12.31
N ASP B 108 -2.07 13.12 11.99
CA ASP B 108 -1.06 13.19 13.07
C ASP B 108 -1.34 14.30 14.04
N GLN B 109 -1.78 15.50 13.59
CA GLN B 109 -2.15 16.57 14.52
C GLN B 109 -3.25 16.10 15.45
N ASN B 110 -4.22 15.41 14.85
CA ASN B 110 -5.37 14.96 15.67
C ASN B 110 -4.95 13.94 16.71
N ALA B 111 -4.06 13.04 16.34
CA ALA B 111 -3.55 12.07 17.28
C ALA B 111 -2.78 12.74 18.38
N ALA B 112 -1.99 13.78 18.05
CA ALA B 112 -1.24 14.51 19.07
C ALA B 112 -2.20 15.16 20.08
N LEU B 114 -5.36 14.28 20.79
CA LEU B 114 -6.04 13.26 21.58
C LEU B 114 -5.02 12.72 22.58
N GLY B 115 -3.77 12.49 22.15
CA GLY B 115 -2.76 11.94 23.07
C GLY B 115 -2.51 12.84 24.26
N GLN B 116 -2.56 14.14 24.05
CA GLN B 116 -2.28 15.02 25.14
C GLN B 116 -3.39 14.97 26.17
N LEU B 117 -4.61 14.72 25.72
CA LEU B 117 -5.72 14.57 26.68
C LEU B 117 -5.66 13.22 27.44
N LEU B 118 -4.97 12.24 26.86
CA LEU B 118 -4.91 10.91 27.44
C LEU B 118 -3.60 10.68 28.22
N ALA B 119 -2.63 11.56 28.06
CA ALA B 119 -1.31 11.32 28.65
C ALA B 119 -1.37 11.03 30.14
N LYS B 120 -2.13 11.81 30.88
CA LYS B 120 -2.15 11.64 32.33
C LYS B 120 -2.77 10.32 32.72
N HIS B 121 -3.45 9.67 31.78
CA HIS B 121 -3.97 8.31 32.00
C HIS B 121 -3.06 7.21 31.57
N GLY B 122 -1.87 7.58 31.11
CA GLY B 122 -0.85 6.63 30.77
C GLY B 122 -0.85 6.19 29.32
N ILE B 123 -1.80 6.70 28.54
CA ILE B 123 -2.00 6.19 27.18
C ILE B 123 -1.15 6.97 26.19
N PRO B 124 -0.21 6.30 25.50
CA PRO B 124 0.73 7.01 24.63
C PRO B 124 0.18 7.16 23.19
N VAL B 125 0.76 8.09 22.45
CA VAL B 125 0.66 8.13 20.98
C VAL B 125 1.85 7.39 20.44
N VAL B 126 1.60 6.48 19.51
CA VAL B 126 2.64 5.62 18.96
C VAL B 126 2.66 5.79 17.47
N GLY B 127 3.77 5.47 16.81
CA GLY B 127 3.90 5.76 15.37
C GLY B 127 4.46 4.73 14.40
N GLY B 128 5.57 4.05 14.79
CA GLY B 128 6.12 2.87 14.08
C GLY B 128 5.11 1.77 14.36
N ALA B 129 5.53 0.58 14.76
CA ALA B 129 4.53 -0.36 15.24
C ALA B 129 3.35 0.36 15.96
N GLY B 130 2.27 0.70 15.24
CA GLY B 130 1.03 1.20 15.88
C GLY B 130 0.82 0.28 17.07
N LEU B 131 0.62 -1.01 16.76
CA LEU B 131 0.92 -2.14 17.65
C LEU B 131 1.10 -1.77 19.13
N SER B 132 2.28 -1.18 19.37
CA SER B 132 2.96 -1.04 20.64
C SER B 132 2.63 -2.04 21.75
N ALA B 133 3.49 -3.01 21.78
CA ALA B 133 3.34 -4.16 22.60
C ALA B 133 3.34 -3.89 24.12
N VAL B 134 4.26 -3.06 24.61
CA VAL B 134 4.28 -2.79 26.06
C VAL B 134 2.98 -2.14 26.64
N PRO B 135 2.53 -1.01 26.08
CA PRO B 135 1.33 -0.30 26.56
C PRO B 135 0.14 -1.16 26.42
N LEU B 136 0.02 -1.81 25.26
CA LEU B 136 -1.10 -2.69 25.13
C LEU B 136 -1.16 -3.78 26.16
N SER B 137 -0.04 -4.18 26.76
CA SER B 137 -0.09 -5.35 27.66
C SER B 137 -0.30 -5.00 29.14
N LEU B 138 -0.19 -3.75 29.46
CA LEU B 138 -0.33 -3.37 30.84
C LEU B 138 -1.81 -3.05 31.24
N ALA B 139 -2.32 -3.61 32.33
CA ALA B 139 -3.63 -3.21 32.85
C ALA B 139 -3.75 -1.67 33.12
N GLU B 140 -2.69 -1.05 33.64
CA GLU B 140 -2.64 0.41 33.89
C GLU B 140 -2.79 1.21 32.60
N VAL B 141 -2.43 0.58 31.47
CA VAL B 141 -2.43 1.20 30.10
C VAL B 141 -3.46 0.56 29.16
N ASN B 142 -3.14 -0.52 28.43
CA ASN B 142 -4.17 -1.28 27.70
C ASN B 142 -4.76 -0.49 26.55
N ALA B 143 -4.07 0.57 26.13
CA ALA B 143 -4.57 1.34 24.98
C ALA B 143 -3.41 2.15 24.40
N VAL B 144 -3.50 2.48 23.12
CA VAL B 144 -2.56 3.40 22.50
C VAL B 144 -3.28 4.18 21.45
N VAL B 145 -2.74 5.34 21.12
CA VAL B 145 -3.34 6.20 20.07
C VAL B 145 -2.39 6.22 18.91
N PHE B 146 -2.94 6.20 17.68
CA PHE B 146 -2.11 6.27 16.50
C PHE B 146 -2.83 7.08 15.43
N SER B 147 -2.03 7.57 14.48
CA SER B 147 -2.59 8.38 13.43
C SER B 147 -3.15 7.40 12.40
N GLY B 148 -4.33 7.67 11.86
CA GLY B 148 -5.03 6.71 11.02
C GLY B 148 -4.63 6.63 9.55
N PRO B 150 -2.85 5.74 6.17
CA PRO B 150 -1.86 4.73 5.81
C PRO B 150 -0.57 5.40 5.35
N PRO B 151 0.54 4.66 5.37
CA PRO B 151 1.87 5.18 5.17
C PRO B 151 2.26 5.31 3.68
N TYR B 152 1.28 5.23 2.76
CA TYR B 152 1.60 5.02 1.33
C TYR B 152 2.29 6.22 0.72
N LYS B 153 1.97 7.41 1.20
CA LYS B 153 2.67 8.63 0.75
C LYS B 153 2.60 8.70 -0.77
N LEU B 154 3.74 8.99 -1.38
CA LEU B 154 3.81 9.13 -2.83
C LEU B 154 3.40 7.86 -3.58
N TRP B 155 3.40 6.71 -2.90
CA TRP B 155 3.04 5.45 -3.56
C TRP B 155 1.56 5.12 -3.34
N ARG B 157 -2.11 4.45 -4.07
CA ARG B 157 -2.83 4.13 -5.28
C ARG B 157 -3.89 5.20 -5.54
N PRO B 158 -3.92 5.73 -6.76
CA PRO B 158 -4.94 6.73 -7.06
C PRO B 158 -6.30 6.06 -7.19
N ALA B 159 -7.34 6.83 -6.99
CA ALA B 159 -8.68 6.39 -7.37
C ALA B 159 -8.80 6.34 -8.89
N ALA B 160 -9.90 5.77 -9.36
CA ALA B 160 -10.13 5.75 -10.81
C ALA B 160 -10.28 7.15 -11.41
N GLU B 161 -10.86 8.06 -10.65
CA GLU B 161 -11.08 9.42 -11.10
C GLU B 161 -10.62 10.35 -9.99
N GLY B 162 -9.93 11.41 -10.38
CA GLY B 162 -9.62 12.47 -9.43
C GLY B 162 -8.35 12.12 -8.67
N VAL B 163 -7.89 13.10 -7.89
CA VAL B 163 -6.61 12.94 -7.17
C VAL B 163 -6.74 12.81 -5.66
N ILE B 164 -7.97 12.73 -5.14
CA ILE B 164 -8.17 12.57 -3.70
C ILE B 164 -7.70 11.16 -3.36
N PRO B 165 -6.79 10.99 -2.39
CA PRO B 165 -6.34 9.64 -2.06
C PRO B 165 -7.54 8.79 -1.65
N PRO B 166 -7.69 7.58 -2.22
CA PRO B 166 -8.82 6.72 -1.86
C PRO B 166 -8.71 6.04 -0.54
N TYR B 167 -7.48 5.75 -0.16
CA TYR B 167 -7.24 5.03 1.12
C TYR B 167 -6.85 6.06 2.14
N ARG B 168 -7.81 6.45 2.96
CA ARG B 168 -7.52 7.42 3.99
C ARG B 168 -7.67 6.81 5.38
N THR B 169 -8.21 7.54 6.37
CA THR B 169 -7.99 7.03 7.74
C THR B 169 -8.93 5.87 8.08
N ASP B 170 -10.06 5.76 7.41
CA ASP B 170 -10.84 4.55 7.68
C ASP B 170 -10.08 3.36 7.19
N ALA B 171 -9.50 3.48 5.99
CA ALA B 171 -8.71 2.37 5.45
C ALA B 171 -7.50 2.08 6.29
N GLY B 172 -6.81 3.13 6.75
CA GLY B 172 -5.61 2.89 7.53
C GLY B 172 -5.94 2.13 8.81
N CYS B 173 -7.01 2.53 9.47
CA CYS B 173 -7.36 1.84 10.74
C CYS B 173 -7.82 0.43 10.46
N PHE B 174 -8.62 0.26 9.41
CA PHE B 174 -9.11 -1.05 9.08
C PHE B 174 -7.94 -2.02 8.79
N LEU B 175 -6.94 -1.52 8.05
CA LEU B 175 -5.84 -2.39 7.66
C LEU B 175 -5.00 -2.75 8.85
N LEU B 176 -4.89 -1.87 9.83
CA LEU B 176 -4.18 -2.22 11.04
C LEU B 176 -4.94 -3.31 11.80
N ALA B 177 -6.26 -3.17 11.91
CA ALA B 177 -7.05 -4.21 12.59
C ALA B 177 -6.87 -5.52 11.86
N GLU B 178 -6.88 -5.47 10.54
CA GLU B 178 -6.79 -6.67 9.77
C GLU B 178 -5.42 -7.32 9.90
N GLN B 179 -4.38 -6.50 9.77
CA GLN B 179 -3.02 -7.02 9.88
C GLN B 179 -2.68 -7.60 11.26
N PHE B 180 -3.13 -6.97 12.32
CA PHE B 180 -2.90 -7.49 13.63
C PHE B 180 -3.89 -8.57 14.07
N GLY B 181 -4.91 -8.88 13.26
CA GLY B 181 -5.81 -9.95 13.58
C GLY B 181 -6.68 -9.59 14.78
N CYS B 182 -7.00 -8.30 14.92
CA CYS B 182 -7.79 -7.80 16.04
C CYS B 182 -9.18 -8.38 16.04
N LYS B 183 -9.81 -8.38 17.20
CA LYS B 183 -11.10 -9.01 17.28
C LYS B 183 -12.25 -8.14 16.81
N GLN B 184 -12.07 -6.83 16.69
CA GLN B 184 -13.21 -5.97 16.51
C GLN B 184 -12.67 -4.69 15.90
N ILE B 186 -14.19 -0.78 15.26
CA ILE B 186 -15.30 0.15 15.51
C ILE B 186 -14.94 1.51 14.97
N PHE B 187 -15.77 1.98 14.03
CA PHE B 187 -15.58 3.35 13.55
C PHE B 187 -16.51 4.29 14.29
N VAL B 188 -15.93 5.32 14.85
CA VAL B 188 -16.68 6.25 15.73
C VAL B 188 -16.85 7.53 14.97
N LYS B 189 -18.05 7.74 14.47
CA LYS B 189 -18.31 8.95 13.74
C LYS B 189 -19.46 9.72 14.34
N ASP B 190 -20.23 10.42 13.52
CA ASP B 190 -21.21 11.39 14.04
C ASP B 190 -22.63 11.13 13.62
N GLU B 191 -22.87 9.88 13.19
CA GLU B 191 -24.23 9.44 12.86
C GLU B 191 -24.44 8.09 13.49
N ASP B 192 -25.71 7.72 13.68
CA ASP B 192 -25.97 6.54 14.43
C ASP B 192 -25.53 5.30 13.72
N GLY B 193 -25.43 5.41 12.40
CA GLY B 193 -24.87 4.33 11.64
C GLY B 193 -25.17 4.60 10.19
N LEU B 194 -25.40 3.52 9.46
CA LEU B 194 -25.71 3.59 8.05
C LEU B 194 -27.19 3.81 7.86
N TYR B 195 -27.50 4.66 6.89
CA TYR B 195 -28.88 4.86 6.51
C TYR B 195 -29.07 4.56 5.02
N THR B 196 -30.30 4.40 4.59
CA THR B 196 -30.59 4.19 3.16
C THR B 196 -30.25 5.42 2.30
N ALA B 197 -30.02 6.56 2.95
CA ALA B 197 -29.58 7.81 2.33
C ALA B 197 -28.66 8.56 3.31
N ASN B 198 -27.98 9.61 2.86
CA ASN B 198 -27.15 10.45 3.75
C ASN B 198 -28.09 11.18 4.74
N PRO B 199 -27.96 10.92 6.07
CA PRO B 199 -28.94 11.50 7.01
C PRO B 199 -28.81 13.03 7.21
N LYS B 200 -27.69 13.62 6.77
CA LYS B 200 -27.53 15.09 6.84
C LYS B 200 -28.27 15.81 5.71
N THR B 201 -28.30 15.20 4.53
CA THR B 201 -28.96 15.77 3.32
C THR B 201 -30.30 15.09 2.95
N SER B 202 -30.90 14.36 3.90
CA SER B 202 -32.22 13.73 3.67
C SER B 202 -32.99 13.49 4.96
N LYS B 203 -34.18 14.08 5.03
CA LYS B 203 -35.06 14.01 6.19
C LYS B 203 -36.06 12.84 6.01
N ASP B 204 -35.51 11.65 5.79
CA ASP B 204 -36.29 10.48 5.34
C ASP B 204 -35.51 9.16 5.33
N ALA B 205 -34.20 9.23 5.54
CA ALA B 205 -33.38 8.06 5.46
C ALA B 205 -33.81 7.05 6.54
N THR B 206 -33.68 5.76 6.22
CA THR B 206 -34.07 4.66 7.10
C THR B 206 -32.80 4.04 7.65
N PHE B 207 -32.85 3.73 8.94
CA PHE B 207 -31.66 3.23 9.62
C PHE B 207 -31.45 1.78 9.28
N ILE B 208 -30.19 1.39 9.04
CA ILE B 208 -29.85 0.00 8.74
C ILE B 208 -28.99 -0.62 9.85
N PRO B 209 -29.55 -1.53 10.67
CA PRO B 209 -28.70 -2.05 11.75
C PRO B 209 -27.58 -3.00 11.32
N ARG B 210 -27.81 -3.70 10.21
CA ARG B 210 -26.88 -4.70 9.77
C ARG B 210 -27.01 -4.88 8.25
N ILE B 211 -25.88 -4.96 7.57
CA ILE B 211 -25.87 -5.10 6.11
C ILE B 211 -24.53 -5.66 5.64
N SER B 212 -24.52 -6.40 4.54
CA SER B 212 -23.26 -6.81 3.95
C SER B 212 -22.80 -5.84 2.90
N VAL B 213 -21.51 -5.86 2.62
CA VAL B 213 -20.95 -5.03 1.59
C VAL B 213 -21.65 -5.27 0.25
N ASP B 214 -21.95 -6.52 -0.08
CA ASP B 214 -22.63 -6.82 -1.34
C ASP B 214 -24.00 -6.16 -1.37
N GLU B 215 -24.72 -6.23 -0.25
CA GLU B 215 -26.02 -5.58 -0.16
C GLU B 215 -25.89 -4.07 -0.29
N LYS B 217 -23.69 -2.47 -2.01
CA LYS B 217 -23.45 -2.21 -3.42
C LYS B 217 -24.73 -2.43 -4.22
N ALA B 218 -25.41 -3.54 -3.96
CA ALA B 218 -26.66 -3.88 -4.67
C ALA B 218 -27.78 -2.88 -4.41
N LYS B 219 -27.83 -2.29 -3.22
CA LYS B 219 -28.85 -1.30 -2.91
C LYS B 219 -28.39 0.01 -3.50
N GLY B 220 -27.20 0.00 -4.07
CA GLY B 220 -26.61 1.18 -4.66
C GLY B 220 -26.49 2.27 -3.62
N LEU B 221 -25.99 1.89 -2.44
CA LEU B 221 -25.85 2.84 -1.34
C LEU B 221 -24.73 3.82 -1.63
N HIS B 222 -25.07 5.09 -1.44
CA HIS B 222 -24.18 6.23 -1.63
C HIS B 222 -23.82 6.88 -0.28
N ASP B 223 -24.64 6.62 0.77
CA ASP B 223 -24.28 6.99 2.18
C ASP B 223 -22.87 6.43 2.49
N SER B 224 -21.94 7.34 2.39
CA SER B 224 -20.57 7.00 2.45
C SER B 224 -20.09 7.32 3.84
N ILE B 225 -20.83 6.88 4.87
CA ILE B 225 -20.30 6.96 6.24
C ILE B 225 -18.98 6.19 6.29
N LEU B 226 -18.93 5.10 5.54
CA LEU B 226 -17.70 4.42 5.18
C LEU B 226 -17.76 4.39 3.67
N GLU B 227 -16.71 4.88 3.05
CA GLU B 227 -16.62 4.86 1.58
C GLU B 227 -16.06 3.53 1.06
N PHE B 228 -16.25 3.31 -0.24
CA PHE B 228 -16.07 2.01 -0.81
C PHE B 228 -14.67 1.43 -0.70
N PRO B 229 -13.62 2.26 -0.80
CA PRO B 229 -12.32 1.59 -0.75
C PRO B 229 -12.16 0.70 0.52
N VAL B 230 -12.58 1.19 1.69
CA VAL B 230 -12.45 0.38 2.91
C VAL B 230 -13.42 -0.81 2.86
N LEU B 231 -14.60 -0.66 2.22
CA LEU B 231 -15.56 -1.76 2.06
C LEU B 231 -15.05 -2.90 1.19
N ASP B 232 -14.28 -2.55 0.15
CA ASP B 232 -13.61 -3.56 -0.64
C ASP B 232 -12.49 -4.27 0.12
N LEU B 233 -11.76 -3.52 0.95
CA LEU B 233 -10.75 -4.13 1.78
C LEU B 233 -11.41 -5.14 2.74
N LEU B 234 -12.56 -4.73 3.29
CA LEU B 234 -13.26 -5.60 4.20
C LEU B 234 -13.61 -6.93 3.56
N GLN B 235 -14.08 -6.91 2.32
CA GLN B 235 -14.38 -8.16 1.63
C GLN B 235 -13.17 -9.08 1.40
N SER B 236 -11.98 -8.51 1.32
CA SER B 236 -10.78 -9.29 1.14
C SER B 236 -10.11 -9.71 2.44
N ALA B 237 -10.61 -9.22 3.56
CA ALA B 237 -9.92 -9.40 4.84
C ALA B 237 -9.88 -10.85 5.30
N GLN B 238 -8.78 -11.24 5.95
CA GLN B 238 -8.63 -12.59 6.52
C GLN B 238 -9.17 -12.64 7.93
N HIS B 239 -9.02 -11.55 8.67
CA HIS B 239 -9.27 -11.59 10.10
C HIS B 239 -10.45 -10.80 10.52
N VAL B 240 -10.63 -9.61 9.99
CA VAL B 240 -11.73 -8.78 10.45
C VAL B 240 -12.77 -8.80 9.33
N ARG B 241 -13.88 -9.50 9.58
CA ARG B 241 -14.87 -9.79 8.55
C ARG B 241 -16.16 -9.02 8.76
N GLU B 242 -16.16 -8.15 9.76
CA GLU B 242 -17.26 -7.20 9.94
C GLU B 242 -16.72 -6.02 10.72
N VAL B 243 -17.40 -4.88 10.58
CA VAL B 243 -17.03 -3.70 11.29
C VAL B 243 -18.27 -3.08 11.86
N GLN B 244 -18.12 -2.24 12.86
CA GLN B 244 -19.27 -1.58 13.45
C GLN B 244 -19.05 -0.10 13.34
N VAL B 245 -20.09 0.62 12.94
CA VAL B 245 -20.05 2.09 12.85
C VAL B 245 -20.97 2.60 13.92
N VAL B 246 -20.46 3.47 14.80
CA VAL B 246 -21.27 4.00 15.90
C VAL B 246 -21.14 5.51 16.01
N ASN B 247 -22.10 6.13 16.69
CA ASN B 247 -22.14 7.57 16.81
C ASN B 247 -21.37 7.93 18.06
N GLY B 248 -20.20 8.52 17.89
CA GLY B 248 -19.41 8.92 19.07
C GLY B 248 -19.97 10.09 19.84
N LEU B 249 -20.96 10.74 19.26
CA LEU B 249 -21.55 11.91 19.90
C LEU B 249 -22.57 11.49 20.92
N VAL B 250 -22.95 10.21 20.93
CA VAL B 250 -23.96 9.76 21.90
C VAL B 250 -23.13 9.27 23.09
N PRO B 251 -23.38 9.85 24.28
CA PRO B 251 -22.75 9.42 25.55
C PRO B 251 -22.77 7.90 25.73
N GLY B 252 -21.60 7.28 25.92
CA GLY B 252 -21.55 5.85 26.20
C GLY B 252 -21.66 4.91 25.03
N ASN B 253 -21.85 5.42 23.81
CA ASN B 253 -22.01 4.53 22.69
C ASN B 253 -20.78 3.67 22.46
N LEU B 254 -19.62 4.27 22.59
CA LEU B 254 -18.38 3.47 22.43
C LEU B 254 -18.28 2.37 23.51
N THR B 255 -18.52 2.76 24.77
CA THR B 255 -18.52 1.85 25.91
C THR B 255 -19.48 0.68 25.63
N ARG B 256 -20.67 1.00 25.12
CA ARG B 256 -21.67 -0.03 24.86
C ARG B 256 -21.27 -0.93 23.72
N ALA B 257 -20.66 -0.36 22.67
CA ALA B 257 -20.24 -1.20 21.54
C ALA B 257 -19.15 -2.15 22.03
N LEU B 258 -18.24 -1.65 22.89
CA LEU B 258 -17.18 -2.53 23.41
C LEU B 258 -17.73 -3.61 24.30
N ALA B 259 -18.88 -3.34 24.95
CA ALA B 259 -19.55 -4.36 25.74
C ALA B 259 -20.41 -5.34 24.94
N GLY B 260 -20.43 -5.23 23.61
CA GLY B 260 -21.12 -6.23 22.80
C GLY B 260 -22.53 -5.78 22.46
N GLU B 261 -22.85 -4.53 22.79
CA GLU B 261 -24.19 -4.05 22.46
C GLU B 261 -24.23 -3.67 20.99
N HIS B 262 -25.36 -3.94 20.36
CA HIS B 262 -25.46 -3.73 18.92
C HIS B 262 -25.89 -2.33 18.55
N VAL B 263 -25.17 -1.36 19.06
CA VAL B 263 -25.47 0.00 18.73
C VAL B 263 -24.92 0.23 17.34
N GLY B 264 -25.46 1.21 16.67
CA GLY B 264 -24.98 1.47 15.32
C GLY B 264 -25.23 0.36 14.29
N THR B 265 -24.37 0.34 13.29
CA THR B 265 -24.56 -0.50 12.12
C THR B 265 -23.39 -1.47 12.06
N ILE B 266 -23.70 -2.74 11.92
CA ILE B 266 -22.70 -3.76 11.64
C ILE B 266 -22.70 -4.00 10.13
N ILE B 267 -21.54 -3.85 9.52
CA ILE B 267 -21.33 -4.05 8.11
C ILE B 267 -20.47 -5.31 8.04
N THR B 268 -20.98 -6.32 7.36
CA THR B 268 -20.27 -7.61 7.19
C THR B 268 -19.65 -7.73 5.80
N ALA B 269 -18.56 -8.49 5.71
CA ALA B 269 -17.87 -8.75 4.44
C ALA B 269 -18.79 -9.55 3.50
N SER B 270 -19.49 -10.53 4.06
CA SER B 270 -20.46 -11.35 3.31
C SER B 270 -21.76 -11.62 4.10
#